data_6TBP
#
_entry.id   6TBP
#
_cell.length_a   62.739
_cell.length_b   89.286
_cell.length_c   61.106
_cell.angle_alpha   90.000
_cell.angle_beta   96.810
_cell.angle_gamma   90.000
#
_symmetry.space_group_name_H-M   'C 1 2 1'
#
loop_
_entity.id
_entity.type
_entity.pdbx_description
1 polymer 'Genome polyprotein'
2 polymer 'Genome polyprotein'
3 non-polymer ~{N}-(2-hydroxyphenyl)-2-phenoxy-ethanamide
4 non-polymer 'DIMETHYL SULFOXIDE'
5 water water
#
loop_
_entity_poly.entity_id
_entity_poly.type
_entity_poly.pdbx_seq_one_letter_code
_entity_poly.pdbx_strand_id
1 'polypeptide(L)'
;APPTLWSRVTKFGSGWGFWVSPTVFITTTHVIPTSAKEFFGEPLTSIAIHRAGEFTLFRFSKKIRPDLTGMILEEGCPEG
TVCSVLIKRDSGELLPLAVRMGAIASMRIQGRLVHGQSGMLLTGANAKGMDLGTIPGDCGAPYVYKRANDWVVCGVHAAA
TKSGNTVVCAVQ
;
A
2 'polypeptide(L)'
;PTLWSRVTKFGSGWGFWVSPTVFITTTHVIPTSAKEFFGEPLTSIAIHRAGEFTLFRFSKKIRPDLTGMILEEGCPEGTV
CSVLIKRDSGELLPLAVRMGAIASMRIQGRLVHGQSGMLLTGANAKGMDLGTIPGDCGAPYVYKRANDWVVCGVHAAATK
SGNTVVCAVQA
;
B
#
loop_
_chem_comp.id
_chem_comp.type
_chem_comp.name
_chem_comp.formula
DMS non-polymer 'DIMETHYL SULFOXIDE' 'C2 H6 O S'
N0H non-polymer ~{N}-(2-hydroxyphenyl)-2-phenoxy-ethanamide 'C14 H13 N O3'
#
# COMPACT_ATOMS: atom_id res chain seq x y z
N ALA A 1 3.42 -6.89 -6.12
CA ALA A 1 4.72 -7.66 -6.14
C ALA A 1 4.38 -9.14 -6.38
N PRO A 2 5.25 -9.93 -7.03
CA PRO A 2 4.93 -11.31 -7.37
C PRO A 2 4.69 -12.19 -6.13
N PRO A 3 3.78 -13.18 -6.25
CA PRO A 3 3.55 -14.17 -5.18
C PRO A 3 4.81 -14.83 -4.62
N THR A 4 5.83 -15.06 -5.45
CA THR A 4 7.05 -15.76 -4.95
C THR A 4 7.84 -14.81 -4.05
N LEU A 5 7.70 -13.48 -4.16
CA LEU A 5 8.39 -12.58 -3.19
C LEU A 5 7.60 -12.60 -1.87
N TRP A 6 6.27 -12.57 -1.94
CA TRP A 6 5.47 -12.64 -0.67
C TRP A 6 5.74 -13.94 0.10
N SER A 7 5.95 -15.08 -0.59
CA SER A 7 6.20 -16.40 0.05
CA SER A 7 6.18 -16.40 0.07
C SER A 7 7.50 -16.39 0.86
N ARG A 8 8.44 -15.48 0.52
CA ARG A 8 9.76 -15.33 1.20
C ARG A 8 9.68 -14.53 2.52
N VAL A 9 8.58 -13.85 2.77
CA VAL A 9 8.40 -12.99 3.97
C VAL A 9 7.88 -13.90 5.10
N THR A 10 8.65 -14.04 6.15
CA THR A 10 8.37 -14.95 7.29
C THR A 10 8.22 -14.19 8.60
N LYS A 11 7.17 -14.47 9.37
CA LYS A 11 6.99 -13.86 10.71
C LYS A 11 8.13 -14.35 11.61
N PHE A 12 8.77 -13.46 12.35
CA PHE A 12 10.06 -13.77 13.02
C PHE A 12 10.28 -12.80 14.18
N GLY A 13 10.41 -13.33 15.41
CA GLY A 13 10.65 -12.45 16.57
C GLY A 13 9.50 -11.46 16.69
N SER A 14 9.83 -10.19 16.90
CA SER A 14 8.86 -9.09 17.05
C SER A 14 8.55 -8.44 15.68
N GLY A 15 9.03 -9.03 14.59
CA GLY A 15 8.71 -8.52 13.24
C GLY A 15 8.76 -9.61 12.18
N TRP A 16 9.68 -9.47 11.21
CA TRP A 16 9.70 -10.27 9.95
C TRP A 16 11.17 -10.49 9.53
N GLY A 17 11.35 -11.47 8.66
CA GLY A 17 12.58 -11.62 7.86
C GLY A 17 12.24 -12.16 6.49
N PHE A 18 13.27 -12.33 5.66
CA PHE A 18 13.14 -12.60 4.20
C PHE A 18 14.15 -13.65 3.75
N TRP A 19 13.64 -14.69 3.06
CA TRP A 19 14.46 -15.75 2.44
C TRP A 19 14.99 -15.27 1.06
N VAL A 20 16.28 -14.96 1.01
CA VAL A 20 16.99 -14.63 -0.26
C VAL A 20 17.21 -15.91 -1.11
N SER A 21 17.38 -17.05 -0.46
CA SER A 21 17.60 -18.37 -1.10
C SER A 21 17.17 -19.47 -0.15
N PRO A 22 17.27 -20.77 -0.53
CA PRO A 22 17.02 -21.87 0.39
C PRO A 22 17.86 -21.89 1.69
N THR A 23 19.04 -21.25 1.69
CA THR A 23 20.00 -21.26 2.83
C THR A 23 20.25 -19.87 3.46
N VAL A 24 19.69 -18.79 2.90
CA VAL A 24 20.01 -17.41 3.37
C VAL A 24 18.71 -16.67 3.75
N PHE A 25 18.70 -16.21 4.99
CA PHE A 25 17.58 -15.43 5.61
C PHE A 25 18.13 -14.13 6.18
N ILE A 26 17.49 -13.01 5.87
CA ILE A 26 17.93 -11.67 6.36
C ILE A 26 16.83 -11.07 7.22
N THR A 27 17.21 -10.24 8.17
CA THR A 27 16.28 -9.56 9.09
C THR A 27 16.94 -8.31 9.70
N THR A 28 16.14 -7.60 10.48
CA THR A 28 16.58 -6.43 11.28
C THR A 28 17.04 -6.93 12.66
N THR A 29 18.25 -6.56 13.07
CA THR A 29 18.93 -7.11 14.25
C THR A 29 17.99 -7.02 15.47
N HIS A 30 17.31 -5.91 15.67
CA HIS A 30 16.56 -5.66 16.93
C HIS A 30 15.30 -6.54 17.01
N VAL A 31 14.84 -7.22 15.94
CA VAL A 31 13.62 -8.08 16.09
C VAL A 31 14.02 -9.48 16.56
N ILE A 32 15.32 -9.83 16.58
CA ILE A 32 15.81 -11.22 16.90
C ILE A 32 15.63 -11.47 18.40
N PRO A 33 14.97 -12.56 18.83
CA PRO A 33 14.85 -12.84 20.26
C PRO A 33 16.26 -13.04 20.85
N THR A 34 16.64 -12.26 21.88
CA THR A 34 18.04 -12.24 22.43
C THR A 34 18.38 -13.57 23.09
N SER A 35 17.40 -14.32 23.62
CA SER A 35 17.70 -15.63 24.27
C SER A 35 17.78 -16.80 23.28
N ALA A 36 17.44 -16.60 21.98
CA ALA A 36 17.17 -17.72 21.04
C ALA A 36 18.44 -18.48 20.71
N LYS A 37 18.38 -19.82 20.76
CA LYS A 37 19.53 -20.76 20.55
C LYS A 37 19.26 -21.74 19.41
N GLU A 38 18.07 -21.68 18.81
CA GLU A 38 17.64 -22.58 17.71
C GLU A 38 16.79 -21.76 16.71
N PHE A 39 17.06 -21.90 15.41
CA PHE A 39 16.27 -21.26 14.33
C PHE A 39 15.94 -22.29 13.26
N PHE A 40 14.67 -22.42 12.93
CA PHE A 40 14.13 -23.38 11.93
C PHE A 40 14.67 -24.79 12.20
N GLY A 41 14.67 -25.21 13.47
CA GLY A 41 15.11 -26.56 13.89
C GLY A 41 16.62 -26.78 13.85
N GLU A 42 17.44 -25.73 13.67
CA GLU A 42 18.93 -25.80 13.58
C GLU A 42 19.56 -25.10 14.76
N PRO A 43 20.59 -25.71 15.39
CA PRO A 43 21.34 -25.08 16.48
C PRO A 43 22.29 -23.99 15.94
N LEU A 44 22.63 -23.00 16.78
CA LEU A 44 23.55 -21.88 16.43
C LEU A 44 24.82 -22.39 15.74
N THR A 45 25.41 -23.46 16.30
CA THR A 45 26.70 -24.02 15.86
C THR A 45 26.65 -24.37 14.37
N SER A 46 25.47 -24.56 13.78
CA SER A 46 25.35 -24.96 12.36
C SER A 46 24.84 -23.80 11.52
N ILE A 47 24.97 -22.56 12.03
CA ILE A 47 24.52 -21.32 11.34
C ILE A 47 25.68 -20.31 11.36
N ALA A 48 25.93 -19.68 10.22
CA ALA A 48 26.89 -18.55 10.07
C ALA A 48 26.09 -17.23 10.12
N ILE A 49 26.24 -16.50 11.21
CA ILE A 49 25.49 -15.24 11.51
C ILE A 49 26.43 -14.06 11.27
N HIS A 50 26.06 -13.18 10.33
CA HIS A 50 26.85 -12.00 9.88
C HIS A 50 26.04 -10.75 10.24
N ARG A 51 26.46 -9.98 11.24
CA ARG A 51 25.70 -8.81 11.74
C ARG A 51 26.52 -7.55 11.45
N ALA A 52 25.90 -6.58 10.77
CA ALA A 52 26.42 -5.21 10.59
C ALA A 52 25.38 -4.21 11.09
N GLY A 53 25.49 -3.77 12.33
CA GLY A 53 24.48 -2.86 12.92
C GLY A 53 23.10 -3.48 12.89
N GLU A 54 22.13 -2.83 12.23
CA GLU A 54 20.70 -3.27 12.26
C GLU A 54 20.43 -4.29 11.14
N PHE A 55 21.46 -4.69 10.35
CA PHE A 55 21.34 -5.74 9.30
C PHE A 55 21.92 -7.05 9.85
N THR A 56 21.15 -8.14 9.82
CA THR A 56 21.67 -9.47 10.16
C THR A 56 21.35 -10.45 9.04
N LEU A 57 22.35 -11.26 8.68
CA LEU A 57 22.25 -12.35 7.68
C LEU A 57 22.59 -13.67 8.37
N PHE A 58 21.69 -14.64 8.22
CA PHE A 58 21.83 -16.05 8.68
C PHE A 58 22.09 -16.93 7.45
N ARG A 59 23.19 -17.68 7.43
CA ARG A 59 23.48 -18.68 6.38
CA ARG A 59 23.47 -18.69 6.38
C ARG A 59 23.41 -20.08 7.02
N PHE A 60 22.49 -20.93 6.54
CA PHE A 60 22.25 -22.29 7.10
C PHE A 60 23.11 -23.30 6.33
N SER A 61 23.53 -24.37 7.04
N SER A 61 23.58 -24.36 7.02
CA SER A 61 24.33 -25.51 6.50
CA SER A 61 24.36 -25.47 6.41
C SER A 61 23.47 -26.44 5.65
C SER A 61 23.45 -26.31 5.50
N LYS A 62 22.13 -26.34 5.76
CA LYS A 62 21.14 -27.18 5.01
C LYS A 62 20.09 -26.30 4.33
N LYS A 63 19.42 -26.82 3.30
CA LYS A 63 18.33 -26.09 2.60
C LYS A 63 17.06 -26.09 3.47
N ILE A 64 16.77 -24.96 4.08
CA ILE A 64 15.55 -24.76 4.93
C ILE A 64 14.34 -24.53 4.01
N ARG A 65 14.53 -23.79 2.90
CA ARG A 65 13.42 -23.42 1.97
C ARG A 65 13.76 -23.90 0.57
N PRO A 66 13.74 -25.23 0.30
CA PRO A 66 14.05 -25.75 -1.03
C PRO A 66 13.02 -25.45 -2.13
N ASP A 67 11.87 -24.93 -1.77
CA ASP A 67 10.82 -24.46 -2.72
C ASP A 67 11.30 -23.17 -3.43
N LEU A 68 12.30 -22.49 -2.87
CA LEU A 68 12.79 -21.16 -3.35
C LEU A 68 14.01 -21.28 -4.27
N THR A 69 14.09 -20.35 -5.22
CA THR A 69 15.31 -20.05 -6.02
C THR A 69 16.10 -18.93 -5.32
N GLY A 70 17.43 -18.93 -5.44
CA GLY A 70 18.26 -17.82 -4.96
C GLY A 70 18.01 -16.58 -5.81
N MET A 71 17.86 -15.39 -5.19
CA MET A 71 17.68 -14.12 -5.94
C MET A 71 18.82 -13.15 -5.55
N ILE A 72 18.91 -12.00 -6.21
CA ILE A 72 19.99 -11.00 -5.95
C ILE A 72 19.69 -10.16 -4.70
N LEU A 73 20.66 -10.09 -3.77
CA LEU A 73 20.72 -9.12 -2.65
C LEU A 73 21.83 -8.08 -2.95
N GLU A 74 21.46 -6.81 -2.96
CA GLU A 74 22.44 -5.71 -3.16
C GLU A 74 22.55 -4.84 -1.91
N GLU A 75 23.65 -4.09 -1.78
CA GLU A 75 23.91 -3.18 -0.63
C GLU A 75 23.21 -1.84 -0.89
N GLY A 76 21.93 -1.76 -0.59
CA GLY A 76 21.05 -0.62 -0.92
C GLY A 76 20.85 -0.52 -2.41
N CYS A 77 20.32 0.62 -2.86
CA CYS A 77 20.03 0.92 -4.29
C CYS A 77 20.39 2.36 -4.65
N PRO A 78 20.49 2.68 -5.96
CA PRO A 78 20.79 4.04 -6.38
C PRO A 78 19.76 5.02 -5.81
N GLU A 79 20.26 6.18 -5.38
CA GLU A 79 19.42 7.30 -4.94
C GLU A 79 18.40 7.55 -6.07
N GLY A 80 17.14 7.69 -5.69
CA GLY A 80 16.08 7.95 -6.67
C GLY A 80 15.28 6.70 -7.04
N THR A 81 15.79 5.48 -6.78
CA THR A 81 15.07 4.21 -7.07
C THR A 81 13.74 4.23 -6.30
N VAL A 82 12.62 3.83 -6.91
CA VAL A 82 11.36 3.58 -6.15
C VAL A 82 11.31 2.07 -5.79
N CYS A 83 11.23 1.79 -4.50
CA CYS A 83 11.12 0.43 -3.94
C CYS A 83 9.70 0.20 -3.42
N SER A 84 9.36 -1.08 -3.19
CA SER A 84 8.19 -1.52 -2.41
C SER A 84 8.68 -2.18 -1.12
N VAL A 85 8.07 -1.80 0.00
CA VAL A 85 8.34 -2.46 1.30
C VAL A 85 7.24 -3.53 1.53
N LEU A 86 7.62 -4.82 1.64
CA LEU A 86 6.60 -5.91 1.56
C LEU A 86 6.09 -6.20 2.96
N ILE A 87 5.05 -5.48 3.35
CA ILE A 87 4.46 -5.49 4.72
C ILE A 87 3.20 -6.38 4.77
N LYS A 88 3.18 -7.37 5.68
CA LYS A 88 1.96 -8.20 5.89
C LYS A 88 1.19 -7.61 7.08
N ARG A 89 -0.14 -7.50 6.97
CA ARG A 89 -1.03 -6.98 8.05
C ARG A 89 -2.18 -7.98 8.36
N ASP A 90 -3.05 -7.64 9.28
CA ASP A 90 -4.03 -8.61 9.84
C ASP A 90 -4.93 -9.17 8.73
N SER A 91 -4.91 -10.50 8.60
CA SER A 91 -5.84 -11.41 7.89
C SER A 91 -5.50 -11.48 6.40
N GLY A 92 -4.28 -11.89 6.07
CA GLY A 92 -3.85 -12.09 4.66
C GLY A 92 -3.88 -10.80 3.82
N GLU A 93 -3.90 -9.63 4.45
CA GLU A 93 -3.75 -8.36 3.70
C GLU A 93 -2.25 -8.07 3.48
N LEU A 94 -1.96 -7.70 2.25
CA LEU A 94 -0.58 -7.47 1.73
C LEU A 94 -0.45 -5.98 1.40
N LEU A 95 0.51 -5.28 2.01
CA LEU A 95 0.67 -3.82 1.83
C LEU A 95 2.07 -3.54 1.25
N PRO A 96 2.24 -3.50 -0.09
CA PRO A 96 3.52 -3.12 -0.70
C PRO A 96 3.70 -1.60 -0.79
N LEU A 97 4.22 -1.00 0.28
CA LEU A 97 4.23 0.49 0.39
C LEU A 97 5.34 1.03 -0.54
N ALA A 98 4.99 2.00 -1.35
CA ALA A 98 5.94 2.63 -2.30
C ALA A 98 6.83 3.63 -1.54
N VAL A 99 8.13 3.59 -1.82
N VAL A 99 8.13 3.63 -1.84
CA VAL A 99 9.13 4.46 -1.15
CA VAL A 99 9.13 4.49 -1.12
C VAL A 99 10.17 4.92 -2.19
C VAL A 99 10.22 4.92 -2.11
N ARG A 100 10.41 6.25 -2.26
CA ARG A 100 11.52 6.80 -3.09
C ARG A 100 12.79 6.87 -2.20
N MET A 101 13.82 6.16 -2.63
CA MET A 101 15.04 6.00 -1.81
C MET A 101 15.96 7.22 -2.02
N GLY A 102 16.68 7.57 -0.95
CA GLY A 102 17.65 8.67 -0.92
C GLY A 102 19.01 8.22 -0.45
N ALA A 103 19.73 9.09 0.25
CA ALA A 103 21.14 8.83 0.64
C ALA A 103 21.23 7.91 1.86
N ILE A 104 22.40 7.31 2.03
CA ILE A 104 22.85 6.70 3.30
C ILE A 104 22.84 7.80 4.37
N ALA A 105 22.19 7.55 5.50
CA ALA A 105 21.93 8.51 6.58
C ALA A 105 22.14 7.92 7.97
N SER A 106 22.49 8.79 8.92
CA SER A 106 22.49 8.52 10.37
C SER A 106 21.49 9.48 11.01
N MET A 107 20.55 8.96 11.80
CA MET A 107 19.42 9.71 12.41
C MET A 107 19.23 9.26 13.86
N ARG A 108 18.58 10.11 14.63
CA ARG A 108 18.05 9.80 15.97
C ARG A 108 16.53 9.72 15.86
N ILE A 109 15.98 8.51 16.01
CA ILE A 109 14.52 8.20 15.87
C ILE A 109 14.05 7.61 17.20
N GLN A 110 13.19 8.37 17.91
CA GLN A 110 12.63 8.01 19.24
C GLN A 110 13.81 7.65 20.16
N GLY A 111 14.76 8.59 20.32
CA GLY A 111 15.93 8.41 21.21
C GLY A 111 16.98 7.44 20.65
N ARG A 112 16.61 6.45 19.81
CA ARG A 112 17.54 5.43 19.23
C ARG A 112 18.41 5.98 18.07
N LEU A 113 19.67 5.57 17.97
CA LEU A 113 20.55 5.98 16.84
C LEU A 113 20.49 4.90 15.78
N VAL A 114 20.09 5.31 14.56
N VAL A 114 20.07 5.26 14.56
CA VAL A 114 19.82 4.41 13.40
CA VAL A 114 19.89 4.29 13.45
C VAL A 114 20.71 4.80 12.20
C VAL A 114 20.67 4.76 12.22
N HIS A 115 21.26 3.81 11.50
CA HIS A 115 22.08 4.01 10.29
C HIS A 115 21.63 3.08 9.17
N GLY A 116 21.38 3.66 8.00
CA GLY A 116 21.01 2.89 6.81
C GLY A 116 20.68 3.79 5.63
N GLN A 117 19.93 3.27 4.68
CA GLN A 117 19.49 4.04 3.50
C GLN A 117 18.14 4.67 3.83
N SER A 118 18.09 6.00 3.80
CA SER A 118 16.84 6.75 4.00
C SER A 118 15.94 6.68 2.77
N GLY A 119 14.65 6.83 3.01
CA GLY A 119 13.63 6.96 1.95
C GLY A 119 12.40 7.74 2.38
N MET A 120 11.63 8.21 1.39
CA MET A 120 10.36 8.93 1.64
C MET A 120 9.17 8.11 1.09
N LEU A 121 8.18 7.82 1.93
CA LEU A 121 6.95 7.09 1.49
C LEU A 121 6.23 7.92 0.45
N LEU A 122 5.67 7.24 -0.55
CA LEU A 122 4.85 7.85 -1.64
C LEU A 122 3.41 7.35 -1.51
N THR A 123 2.90 7.30 -0.27
CA THR A 123 1.54 6.74 0.03
C THR A 123 0.53 7.86 0.37
N GLY A 124 0.99 9.07 0.74
CA GLY A 124 0.12 10.16 1.27
C GLY A 124 0.88 11.42 1.68
N ALA A 125 0.21 12.49 2.14
CA ALA A 125 0.89 13.78 2.51
C ALA A 125 1.82 13.54 3.70
N ASN A 126 1.23 12.88 4.70
CA ASN A 126 1.82 12.47 5.98
C ASN A 126 1.26 11.08 6.25
N ALA A 127 2.14 10.13 6.52
CA ALA A 127 1.82 8.68 6.59
C ALA A 127 1.72 8.24 8.06
N LYS A 128 1.42 9.16 8.97
CA LYS A 128 1.26 8.82 10.41
C LYS A 128 0.15 7.76 10.51
N GLY A 129 0.47 6.57 11.01
CA GLY A 129 -0.55 5.55 11.31
C GLY A 129 -0.56 4.37 10.35
N MET A 130 -1.35 3.35 10.67
CA MET A 130 -1.23 1.99 10.06
C MET A 130 -1.85 1.94 8.65
N ASP A 131 -2.73 2.89 8.27
CA ASP A 131 -3.47 2.83 6.98
C ASP A 131 -2.54 3.21 5.83
N LEU A 132 -1.66 4.20 6.01
CA LEU A 132 -0.79 4.75 4.92
C LEU A 132 0.70 4.60 5.23
N GLY A 133 1.08 4.23 6.46
CA GLY A 133 2.48 4.18 6.89
C GLY A 133 2.85 2.88 7.55
N THR A 134 4.04 2.86 8.14
CA THR A 134 4.63 1.74 8.90
C THR A 134 4.24 1.85 10.36
N ILE A 135 4.36 0.71 11.03
CA ILE A 135 4.18 0.49 12.50
C ILE A 135 5.39 -0.29 13.00
N PRO A 136 5.69 -0.27 14.32
CA PRO A 136 6.88 -0.95 14.85
C PRO A 136 7.00 -2.45 14.52
N GLY A 137 5.85 -3.14 14.43
CA GLY A 137 5.72 -4.56 14.05
C GLY A 137 6.16 -4.86 12.63
N ASP A 138 6.40 -3.85 11.78
CA ASP A 138 6.85 -4.04 10.39
C ASP A 138 8.35 -4.20 10.26
N CYS A 139 9.11 -4.00 11.33
CA CYS A 139 10.60 -4.12 11.29
C CYS A 139 10.99 -5.51 10.74
N GLY A 140 11.97 -5.51 9.83
CA GLY A 140 12.43 -6.71 9.11
C GLY A 140 11.80 -6.92 7.73
N ALA A 141 10.75 -6.18 7.36
CA ALA A 141 10.09 -6.33 6.04
C ALA A 141 11.07 -5.92 4.95
N PRO A 142 11.16 -6.64 3.81
CA PRO A 142 12.14 -6.32 2.79
C PRO A 142 11.79 -5.14 1.88
N TYR A 143 12.84 -4.45 1.41
CA TYR A 143 12.78 -3.39 0.38
C TYR A 143 13.18 -4.04 -0.96
N VAL A 144 12.27 -4.04 -1.94
CA VAL A 144 12.50 -4.74 -3.23
C VAL A 144 12.19 -3.76 -4.38
N TYR A 145 12.82 -3.98 -5.54
CA TYR A 145 12.46 -3.22 -6.76
C TYR A 145 12.72 -4.13 -7.97
N LYS A 146 12.06 -3.78 -9.05
CA LYS A 146 12.17 -4.53 -10.31
C LYS A 146 13.20 -3.81 -11.20
N ARG A 147 14.18 -4.55 -11.72
CA ARG A 147 15.12 -4.02 -12.74
CA ARG A 147 15.12 -4.03 -12.74
C ARG A 147 14.45 -4.28 -14.09
N ALA A 148 15.21 -4.57 -15.12
CA ALA A 148 14.64 -4.97 -16.42
C ALA A 148 13.74 -6.18 -16.20
N ASN A 149 14.29 -7.37 -16.22
CA ASN A 149 13.46 -8.60 -16.28
C ASN A 149 13.34 -9.28 -14.92
N ASP A 150 13.94 -8.73 -13.85
CA ASP A 150 13.93 -9.43 -12.55
C ASP A 150 13.81 -8.48 -11.37
N TRP A 151 13.74 -9.05 -10.16
CA TRP A 151 13.55 -8.33 -8.89
C TRP A 151 14.83 -8.44 -8.05
N VAL A 152 15.10 -7.40 -7.28
CA VAL A 152 16.27 -7.27 -6.37
C VAL A 152 15.72 -7.01 -4.98
N VAL A 153 16.39 -7.53 -3.94
CA VAL A 153 16.17 -7.10 -2.54
C VAL A 153 17.39 -6.26 -2.13
N CYS A 154 17.16 -5.14 -1.46
CA CYS A 154 18.29 -4.22 -1.19
C CYS A 154 18.32 -3.79 0.28
N GLY A 155 17.44 -4.35 1.15
CA GLY A 155 17.52 -4.06 2.60
C GLY A 155 16.31 -4.50 3.37
N VAL A 156 16.30 -4.19 4.66
CA VAL A 156 15.17 -4.59 5.58
C VAL A 156 14.76 -3.38 6.42
N HIS A 157 13.47 -3.29 6.74
CA HIS A 157 12.88 -2.14 7.47
C HIS A 157 13.46 -2.04 8.88
N ALA A 158 14.05 -0.88 9.21
CA ALA A 158 14.70 -0.64 10.52
C ALA A 158 13.96 0.39 11.38
N ALA A 159 13.42 1.47 10.80
CA ALA A 159 12.85 2.58 11.60
C ALA A 159 12.00 3.51 10.73
N ALA A 160 11.17 4.32 11.39
CA ALA A 160 10.37 5.36 10.75
C ALA A 160 10.25 6.52 11.73
N THR A 161 10.23 7.74 11.19
CA THR A 161 10.02 8.95 12.02
C THR A 161 8.57 9.03 12.53
N LYS A 162 8.38 9.84 13.57
CA LYS A 162 7.07 10.09 14.23
C LYS A 162 6.03 10.60 13.22
N SER A 163 6.38 11.47 12.26
CA SER A 163 5.46 11.88 11.15
C SER A 163 5.11 10.69 10.24
N GLY A 164 5.98 9.68 10.21
CA GLY A 164 5.81 8.53 9.29
C GLY A 164 6.36 8.78 7.88
N ASN A 165 6.61 10.03 7.47
CA ASN A 165 7.11 10.34 6.10
C ASN A 165 8.47 9.64 5.78
N THR A 166 9.44 9.64 6.67
CA THR A 166 10.82 9.15 6.43
C THR A 166 10.97 7.75 7.03
N VAL A 167 11.53 6.84 6.23
CA VAL A 167 11.87 5.47 6.66
C VAL A 167 13.37 5.24 6.50
N VAL A 168 13.88 4.22 7.21
CA VAL A 168 15.29 3.79 7.10
C VAL A 168 15.30 2.28 6.82
N CYS A 169 15.97 1.86 5.76
CA CYS A 169 16.26 0.46 5.41
C CYS A 169 17.69 0.07 5.85
N ALA A 170 17.85 -0.94 6.70
CA ALA A 170 19.21 -1.42 7.05
C ALA A 170 19.79 -2.17 5.84
N VAL A 171 21.08 -1.98 5.54
CA VAL A 171 21.73 -2.54 4.32
C VAL A 171 22.95 -3.38 4.70
N GLN A 172 23.28 -4.34 3.84
CA GLN A 172 24.44 -5.25 3.99
C GLN A 172 25.71 -4.40 3.85
N PRO B 1 -10.51 -1.07 13.69
CA PRO B 1 -10.93 0.20 13.07
C PRO B 1 -9.93 0.61 11.95
N THR B 2 -10.32 0.50 10.68
CA THR B 2 -9.40 0.82 9.55
C THR B 2 -10.20 1.38 8.37
N LEU B 3 -9.62 2.34 7.65
CA LEU B 3 -10.20 2.87 6.39
C LEU B 3 -10.36 1.72 5.41
N TRP B 4 -9.43 0.76 5.42
CA TRP B 4 -9.39 -0.29 4.39
C TRP B 4 -10.64 -1.17 4.48
N SER B 5 -11.22 -1.37 5.67
CA SER B 5 -12.44 -2.21 5.79
C SER B 5 -13.62 -1.57 5.04
N ARG B 6 -13.57 -0.27 4.77
CA ARG B 6 -14.67 0.48 4.09
C ARG B 6 -14.62 0.26 2.57
N VAL B 7 -13.48 -0.17 2.03
CA VAL B 7 -13.32 -0.41 0.57
C VAL B 7 -13.82 -1.83 0.27
N THR B 8 -14.82 -1.96 -0.60
CA THR B 8 -15.63 -3.19 -0.86
CA THR B 8 -15.43 -3.29 -0.87
C THR B 8 -15.68 -3.49 -2.37
N LYS B 9 -15.55 -4.76 -2.77
CA LYS B 9 -15.69 -5.17 -4.17
C LYS B 9 -17.15 -4.91 -4.59
N PHE B 10 -17.37 -4.33 -5.77
CA PHE B 10 -18.72 -3.90 -6.20
C PHE B 10 -18.79 -3.83 -7.72
N GLY B 11 -19.69 -4.60 -8.35
CA GLY B 11 -19.84 -4.52 -9.80
C GLY B 11 -18.56 -4.89 -10.54
N SER B 12 -18.16 -4.09 -11.52
CA SER B 12 -16.88 -4.29 -12.25
C SER B 12 -15.69 -3.57 -11.56
N GLY B 13 -15.85 -2.99 -10.37
CA GLY B 13 -14.75 -2.31 -9.62
C GLY B 13 -14.97 -2.36 -8.10
N TRP B 14 -15.08 -1.20 -7.43
CA TRP B 14 -15.06 -1.07 -5.95
C TRP B 14 -16.00 0.07 -5.56
N GLY B 15 -16.30 0.18 -4.27
CA GLY B 15 -16.86 1.40 -3.64
C GLY B 15 -16.45 1.52 -2.19
N PHE B 16 -17.00 2.50 -1.48
CA PHE B 16 -16.50 2.91 -0.16
C PHE B 16 -17.66 3.27 0.76
N TRP B 17 -17.68 2.66 1.95
CA TRP B 17 -18.68 2.99 3.01
C TRP B 17 -18.25 4.27 3.74
N VAL B 18 -19.00 5.35 3.51
CA VAL B 18 -18.83 6.66 4.20
C VAL B 18 -19.37 6.56 5.64
N SER B 19 -20.43 5.78 5.82
CA SER B 19 -21.14 5.62 7.11
C SER B 19 -21.88 4.29 7.11
N PRO B 20 -22.56 3.86 8.20
CA PRO B 20 -23.31 2.60 8.12
C PRO B 20 -24.38 2.49 7.03
N THR B 21 -24.88 3.63 6.53
CA THR B 21 -25.99 3.67 5.53
C THR B 21 -25.61 4.30 4.19
N VAL B 22 -24.39 4.84 4.04
CA VAL B 22 -23.97 5.59 2.82
C VAL B 22 -22.76 4.91 2.16
N PHE B 23 -22.93 4.60 0.88
CA PHE B 23 -21.94 3.88 0.02
C PHE B 23 -21.73 4.68 -1.26
N ILE B 24 -20.48 5.07 -1.61
CA ILE B 24 -20.19 5.79 -2.87
C ILE B 24 -19.38 4.89 -3.82
N THR B 25 -19.57 5.12 -5.11
CA THR B 25 -18.84 4.37 -6.18
C THR B 25 -18.82 5.17 -7.49
N THR B 26 -18.13 4.61 -8.47
CA THR B 26 -18.04 5.18 -9.84
C THR B 26 -19.22 4.68 -10.65
N THR B 27 -19.95 5.56 -11.31
CA THR B 27 -21.23 5.21 -11.97
C THR B 27 -21.02 4.00 -12.90
N HIS B 28 -19.97 3.98 -13.73
CA HIS B 28 -19.86 2.97 -14.82
C HIS B 28 -19.60 1.56 -14.27
N VAL B 29 -19.19 1.38 -13.02
CA VAL B 29 -18.96 0.02 -12.49
C VAL B 29 -20.26 -0.62 -11.96
N ILE B 30 -21.33 0.16 -11.78
CA ILE B 30 -22.59 -0.34 -11.14
C ILE B 30 -23.26 -1.37 -12.07
N PRO B 31 -23.68 -2.54 -11.58
CA PRO B 31 -24.53 -3.43 -12.40
C PRO B 31 -25.76 -2.73 -13.02
N THR B 32 -26.07 -3.09 -14.26
CA THR B 32 -27.26 -2.57 -14.97
C THR B 32 -28.41 -3.56 -14.90
N SER B 33 -28.17 -4.77 -14.40
CA SER B 33 -29.26 -5.75 -14.07
CA SER B 33 -29.23 -5.77 -14.08
C SER B 33 -29.17 -6.15 -12.59
N ALA B 34 -30.13 -5.70 -11.77
CA ALA B 34 -30.12 -5.96 -10.30
C ALA B 34 -31.49 -5.73 -9.67
N LYS B 35 -31.84 -6.55 -8.67
CA LYS B 35 -33.06 -6.39 -7.84
C LYS B 35 -32.67 -6.07 -6.39
N GLU B 36 -31.39 -6.21 -6.02
CA GLU B 36 -30.89 -5.94 -4.65
C GLU B 36 -29.42 -5.57 -4.73
N PHE B 37 -28.97 -4.77 -3.76
CA PHE B 37 -27.54 -4.63 -3.40
C PHE B 37 -27.36 -4.87 -1.89
N PHE B 38 -26.32 -5.63 -1.56
CA PHE B 38 -25.95 -6.00 -0.17
C PHE B 38 -27.19 -6.53 0.57
N GLY B 39 -28.05 -7.27 -0.12
CA GLY B 39 -29.22 -7.94 0.48
C GLY B 39 -30.44 -7.03 0.61
N GLU B 40 -30.37 -5.74 0.21
CA GLU B 40 -31.49 -4.79 0.41
C GLU B 40 -32.15 -4.60 -0.94
N PRO B 41 -33.51 -4.66 -1.00
CA PRO B 41 -34.22 -4.48 -2.27
C PRO B 41 -33.96 -3.05 -2.77
N LEU B 42 -33.80 -2.93 -4.07
CA LEU B 42 -33.52 -1.61 -4.73
C LEU B 42 -34.69 -0.67 -4.41
N THR B 43 -35.87 -1.22 -4.20
CA THR B 43 -37.08 -0.55 -3.65
C THR B 43 -36.72 0.42 -2.53
N SER B 44 -35.77 0.07 -1.64
CA SER B 44 -35.48 0.74 -0.34
C SER B 44 -34.18 1.53 -0.41
N ILE B 45 -33.57 1.64 -1.59
CA ILE B 45 -32.26 2.34 -1.75
C ILE B 45 -32.50 3.62 -2.56
N ALA B 46 -32.09 4.75 -1.99
CA ALA B 46 -31.97 6.06 -2.70
C ALA B 46 -30.64 6.13 -3.46
N ILE B 47 -30.72 6.37 -4.78
CA ILE B 47 -29.58 6.47 -5.71
C ILE B 47 -29.52 7.90 -6.25
N HIS B 48 -28.41 8.59 -5.94
CA HIS B 48 -28.07 9.97 -6.40
C HIS B 48 -26.88 9.90 -7.37
N ARG B 49 -27.13 10.13 -8.65
CA ARG B 49 -26.09 10.04 -9.70
C ARG B 49 -25.79 11.46 -10.19
N ALA B 50 -24.51 11.82 -10.27
CA ALA B 50 -24.03 13.05 -10.92
C ALA B 50 -22.80 12.68 -11.76
N GLY B 51 -22.95 12.57 -13.09
CA GLY B 51 -21.86 12.08 -13.95
C GLY B 51 -21.32 10.72 -13.47
N GLU B 52 -20.00 10.64 -13.30
CA GLU B 52 -19.29 9.41 -12.87
C GLU B 52 -19.32 9.23 -11.35
N PHE B 53 -20.02 10.08 -10.58
CA PHE B 53 -20.13 9.92 -9.10
C PHE B 53 -21.53 9.39 -8.78
N THR B 54 -21.63 8.29 -8.02
CA THR B 54 -22.91 7.79 -7.50
C THR B 54 -22.85 7.56 -5.98
N LEU B 55 -23.89 8.03 -5.28
CA LEU B 55 -24.12 7.78 -3.84
C LEU B 55 -25.40 6.95 -3.64
N PHE B 56 -25.26 5.87 -2.87
CA PHE B 56 -26.40 5.03 -2.39
CA PHE B 56 -26.38 5.02 -2.38
C PHE B 56 -26.69 5.36 -0.93
N ARG B 57 -27.96 5.59 -0.60
CA ARG B 57 -28.39 5.76 0.81
CA ARG B 57 -28.39 5.76 0.81
C ARG B 57 -29.40 4.64 1.15
N PHE B 58 -29.03 3.74 2.05
CA PHE B 58 -29.84 2.56 2.47
C PHE B 58 -30.80 2.98 3.60
N SER B 59 -31.97 2.34 3.69
CA SER B 59 -32.96 2.59 4.76
C SER B 59 -32.60 1.86 6.06
N LYS B 60 -31.65 0.91 6.07
CA LYS B 60 -31.16 0.35 7.35
C LYS B 60 -29.63 0.30 7.38
N LYS B 61 -29.08 0.08 8.59
CA LYS B 61 -27.61 0.04 8.84
C LYS B 61 -27.05 -1.24 8.23
N ILE B 62 -26.30 -1.12 7.14
CA ILE B 62 -25.61 -2.27 6.49
C ILE B 62 -24.26 -2.50 7.16
N ARG B 63 -23.61 -1.45 7.64
CA ARG B 63 -22.26 -1.50 8.26
C ARG B 63 -22.29 -0.77 9.62
N PRO B 64 -23.05 -1.32 10.60
CA PRO B 64 -23.17 -0.69 11.92
C PRO B 64 -21.85 -0.60 12.73
N ASP B 65 -20.84 -1.36 12.30
CA ASP B 65 -19.48 -1.35 12.90
C ASP B 65 -18.80 0.01 12.61
N LEU B 66 -19.30 0.81 11.65
CA LEU B 66 -18.59 2.03 11.17
C LEU B 66 -19.12 3.31 11.83
N THR B 67 -18.25 4.30 12.04
CA THR B 67 -18.68 5.71 12.28
C THR B 67 -18.83 6.46 10.93
N GLY B 68 -19.60 7.53 10.92
CA GLY B 68 -19.71 8.44 9.76
C GLY B 68 -18.46 9.31 9.60
N MET B 69 -17.99 9.42 8.36
CA MET B 69 -16.80 10.19 7.90
C MET B 69 -17.26 11.44 7.14
N ILE B 70 -16.40 12.45 7.06
CA ILE B 70 -16.64 13.67 6.23
C ILE B 70 -16.49 13.35 4.75
N LEU B 71 -17.55 13.59 3.96
CA LEU B 71 -17.57 13.57 2.48
C LEU B 71 -17.65 15.01 1.94
N GLU B 72 -16.70 15.41 1.09
CA GLU B 72 -16.67 16.77 0.49
C GLU B 72 -16.58 16.66 -1.02
N GLU B 73 -16.90 17.76 -1.73
CA GLU B 73 -16.97 17.84 -3.22
C GLU B 73 -15.57 18.15 -3.77
N GLY B 74 -14.69 17.15 -3.85
CA GLY B 74 -13.27 17.41 -4.17
C GLY B 74 -12.52 18.06 -3.02
N CYS B 75 -11.31 18.52 -3.32
CA CYS B 75 -10.40 19.16 -2.34
C CYS B 75 -9.64 20.32 -2.98
N PRO B 76 -8.98 21.13 -2.14
CA PRO B 76 -8.17 22.23 -2.65
C PRO B 76 -7.09 21.74 -3.62
N GLU B 77 -6.77 22.55 -4.62
CA GLU B 77 -5.59 22.28 -5.47
C GLU B 77 -4.31 22.19 -4.63
N GLY B 78 -3.46 21.23 -4.98
CA GLY B 78 -2.19 20.98 -4.27
C GLY B 78 -2.35 20.01 -3.10
N THR B 79 -3.56 19.69 -2.70
CA THR B 79 -3.77 18.63 -1.67
C THR B 79 -3.14 17.32 -2.18
N VAL B 80 -2.34 16.65 -1.36
CA VAL B 80 -1.85 15.28 -1.66
C VAL B 80 -2.83 14.27 -1.05
N CYS B 81 -3.68 13.71 -1.91
CA CYS B 81 -4.65 12.63 -1.54
C CYS B 81 -3.94 11.27 -1.61
N SER B 82 -4.55 10.27 -1.00
CA SER B 82 -4.24 8.84 -1.21
C SER B 82 -5.44 8.19 -1.91
N VAL B 83 -5.18 7.46 -2.99
CA VAL B 83 -6.21 6.60 -3.61
C VAL B 83 -6.07 5.20 -2.97
N LEU B 84 -7.13 4.73 -2.31
CA LEU B 84 -7.05 3.44 -1.54
C LEU B 84 -7.42 2.25 -2.46
N ILE B 85 -6.46 1.75 -3.24
CA ILE B 85 -6.70 0.68 -4.24
C ILE B 85 -6.64 -0.70 -3.54
N LYS B 86 -7.67 -1.51 -3.70
CA LYS B 86 -7.62 -2.98 -3.41
C LYS B 86 -7.48 -3.74 -4.73
N ARG B 87 -6.67 -4.80 -4.68
CA ARG B 87 -6.46 -5.71 -5.83
C ARG B 87 -7.02 -7.10 -5.49
N ASP B 88 -7.49 -7.84 -6.48
CA ASP B 88 -7.98 -9.23 -6.27
C ASP B 88 -6.85 -10.16 -5.77
N SER B 89 -5.57 -9.80 -5.94
CA SER B 89 -4.41 -10.50 -5.31
C SER B 89 -4.45 -10.51 -3.77
N GLY B 90 -5.17 -9.61 -3.14
CA GLY B 90 -5.10 -9.36 -1.69
C GLY B 90 -4.21 -8.17 -1.33
N GLU B 91 -3.61 -7.52 -2.33
CA GLU B 91 -2.73 -6.33 -2.09
C GLU B 91 -3.60 -5.08 -1.85
N LEU B 92 -3.10 -4.24 -0.97
CA LEU B 92 -3.60 -2.90 -0.62
C LEU B 92 -2.56 -1.89 -1.11
N LEU B 93 -2.95 -0.98 -2.02
CA LEU B 93 -1.99 -0.04 -2.69
C LEU B 93 -2.41 1.39 -2.43
N PRO B 94 -2.00 2.04 -1.32
CA PRO B 94 -2.32 3.46 -1.15
C PRO B 94 -1.28 4.26 -1.96
N LEU B 95 -1.75 5.03 -2.93
CA LEU B 95 -0.84 5.84 -3.81
C LEU B 95 -1.11 7.34 -3.62
N ALA B 96 -0.04 8.11 -3.39
CA ALA B 96 -0.10 9.58 -3.27
C ALA B 96 -0.43 10.19 -4.64
N VAL B 97 -1.35 11.13 -4.63
CA VAL B 97 -1.82 11.82 -5.85
C VAL B 97 -1.90 13.32 -5.52
N ARG B 98 -1.21 14.17 -6.31
CA ARG B 98 -1.28 15.64 -6.11
C ARG B 98 -2.47 16.13 -6.94
N MET B 99 -3.43 16.80 -6.30
CA MET B 99 -4.73 17.12 -6.94
C MET B 99 -4.66 18.51 -7.61
N GLY B 100 -5.33 18.59 -8.75
CA GLY B 100 -5.41 19.80 -9.59
C GLY B 100 -6.83 20.29 -9.73
N ALA B 101 -7.12 20.95 -10.84
CA ALA B 101 -8.42 21.59 -11.06
C ALA B 101 -9.46 20.55 -11.47
N ILE B 102 -10.70 20.93 -11.29
CA ILE B 102 -11.87 20.23 -11.88
C ILE B 102 -11.94 20.63 -13.37
N ALA B 103 -12.16 19.64 -14.24
CA ALA B 103 -12.11 19.84 -15.69
C ALA B 103 -12.81 18.69 -16.42
N SER B 104 -13.11 18.89 -17.71
N SER B 104 -13.07 18.90 -17.71
CA SER B 104 -13.46 17.81 -18.65
CA SER B 104 -13.46 17.86 -18.68
C SER B 104 -12.21 17.40 -19.43
C SER B 104 -12.21 17.41 -19.43
N MET B 105 -11.77 16.16 -19.26
CA MET B 105 -10.47 15.72 -19.74
C MET B 105 -10.65 14.59 -20.72
N ARG B 106 -9.82 14.58 -21.76
CA ARG B 106 -9.84 13.51 -22.76
C ARG B 106 -8.84 12.44 -22.27
N ILE B 107 -9.37 11.30 -21.87
CA ILE B 107 -8.58 10.21 -21.24
C ILE B 107 -8.72 8.99 -22.14
N GLN B 108 -7.65 8.57 -22.83
CA GLN B 108 -7.70 7.44 -23.80
C GLN B 108 -8.95 7.58 -24.69
N GLY B 109 -9.16 8.78 -25.27
CA GLY B 109 -10.15 9.05 -26.32
C GLY B 109 -11.55 9.35 -25.81
N ARG B 110 -11.82 9.34 -24.50
CA ARG B 110 -13.19 9.68 -24.01
C ARG B 110 -13.13 10.87 -23.06
N LEU B 111 -14.24 11.63 -22.99
CA LEU B 111 -14.39 12.79 -22.08
C LEU B 111 -14.87 12.31 -20.70
N VAL B 112 -14.09 12.66 -19.69
CA VAL B 112 -14.39 12.39 -18.26
C VAL B 112 -14.35 13.71 -17.49
N HIS B 113 -15.42 14.03 -16.75
CA HIS B 113 -15.51 15.23 -15.88
C HIS B 113 -15.20 14.90 -14.41
N GLY B 114 -14.24 15.61 -13.81
CA GLY B 114 -13.91 15.42 -12.39
C GLY B 114 -12.67 16.21 -12.01
N GLN B 115 -12.09 15.89 -10.85
CA GLN B 115 -10.87 16.57 -10.36
C GLN B 115 -9.64 15.84 -10.90
N SER B 116 -8.79 16.52 -11.67
CA SER B 116 -7.50 15.97 -12.17
C SER B 116 -6.56 15.71 -10.99
N GLY B 117 -5.70 14.73 -11.14
CA GLY B 117 -4.58 14.44 -10.22
C GLY B 117 -3.36 13.84 -10.94
N MET B 118 -2.16 13.97 -10.36
CA MET B 118 -0.92 13.31 -10.86
C MET B 118 -0.30 12.46 -9.74
N LEU B 119 0.11 11.21 -10.07
CA LEU B 119 0.74 10.31 -9.06
C LEU B 119 2.13 10.82 -8.68
N LEU B 120 2.53 10.69 -7.41
CA LEU B 120 3.89 11.08 -6.93
C LEU B 120 4.90 9.97 -7.27
N THR B 121 4.46 8.81 -7.75
CA THR B 121 5.37 7.75 -8.28
C THR B 121 5.89 8.20 -9.65
N GLY B 122 5.11 8.99 -10.40
CA GLY B 122 5.49 9.67 -11.65
C GLY B 122 5.92 8.72 -12.77
N ALA B 123 7.06 8.04 -12.58
CA ALA B 123 7.87 7.38 -13.64
C ALA B 123 7.01 6.53 -14.57
N ASN B 124 6.55 5.35 -14.11
CA ASN B 124 6.05 4.28 -15.02
C ASN B 124 5.41 3.12 -14.23
N ALA B 125 5.19 1.98 -14.92
CA ALA B 125 4.59 0.72 -14.40
C ALA B 125 5.68 -0.18 -13.80
N LYS B 126 6.17 -1.18 -14.55
CA LYS B 126 7.40 -1.98 -14.25
C LYS B 126 7.32 -2.63 -12.87
N GLY B 127 6.14 -3.15 -12.51
CA GLY B 127 5.76 -3.54 -11.13
C GLY B 127 4.54 -2.74 -10.70
N MET B 128 3.43 -2.92 -11.42
CA MET B 128 2.17 -2.13 -11.35
C MET B 128 1.66 -1.96 -9.91
N ASP B 129 2.56 -2.03 -8.91
CA ASP B 129 2.30 -1.50 -7.55
C ASP B 129 2.70 -0.03 -7.47
N LEU B 130 2.84 0.63 -8.63
CA LEU B 130 3.14 2.10 -8.63
C LEU B 130 2.13 2.91 -9.45
N GLY B 131 1.13 2.27 -10.04
CA GLY B 131 0.08 3.02 -10.79
C GLY B 131 -1.25 2.30 -10.75
N THR B 132 -2.27 2.90 -11.37
CA THR B 132 -3.65 2.34 -11.42
C THR B 132 -3.81 1.43 -12.65
N ILE B 133 -4.84 0.59 -12.62
CA ILE B 133 -5.33 -0.27 -13.74
C ILE B 133 -6.84 -0.13 -13.90
N PRO B 134 -7.46 -0.54 -15.04
CA PRO B 134 -8.90 -0.33 -15.24
C PRO B 134 -9.82 -0.90 -14.13
N GLY B 135 -9.47 -2.06 -13.54
CA GLY B 135 -10.28 -2.72 -12.49
C GLY B 135 -10.31 -1.97 -11.18
N ASP B 136 -9.51 -0.92 -11.01
CA ASP B 136 -9.41 -0.10 -9.79
C ASP B 136 -10.58 0.90 -9.67
N CYS B 137 -11.44 1.07 -10.68
CA CYS B 137 -12.43 2.18 -10.66
C CYS B 137 -13.35 2.00 -9.43
N GLY B 138 -13.70 3.14 -8.80
CA GLY B 138 -14.53 3.26 -7.60
C GLY B 138 -13.73 3.38 -6.30
N ALA B 139 -12.43 3.13 -6.36
CA ALA B 139 -11.50 3.29 -5.20
C ALA B 139 -11.61 4.74 -4.69
N PRO B 140 -11.66 4.97 -3.36
CA PRO B 140 -11.81 6.34 -2.86
C PRO B 140 -10.51 7.17 -2.83
N TYR B 141 -10.66 8.50 -2.93
CA TYR B 141 -9.59 9.51 -2.70
C TYR B 141 -9.79 10.06 -1.28
N VAL B 142 -8.80 9.92 -0.38
CA VAL B 142 -8.89 10.38 1.02
C VAL B 142 -7.66 11.26 1.33
N TYR B 143 -7.80 12.10 2.34
CA TYR B 143 -6.65 12.81 2.96
C TYR B 143 -6.95 13.15 4.42
N LYS B 144 -5.88 13.35 5.19
CA LYS B 144 -6.01 13.71 6.61
C LYS B 144 -5.92 15.24 6.77
N ARG B 145 -6.87 15.80 7.50
CA ARG B 145 -6.99 17.25 7.74
C ARG B 145 -7.21 17.47 9.23
N ALA B 146 -6.22 18.06 9.92
CA ALA B 146 -6.14 18.08 11.39
C ALA B 146 -6.29 16.63 11.88
N ASN B 147 -7.28 16.35 12.73
CA ASN B 147 -7.50 15.00 13.35
C ASN B 147 -8.38 14.13 12.45
N ASP B 148 -8.96 14.73 11.38
CA ASP B 148 -10.10 14.13 10.63
C ASP B 148 -9.63 13.60 9.28
N TRP B 149 -10.09 12.39 8.91
CA TRP B 149 -10.04 11.86 7.53
C TRP B 149 -11.19 12.45 6.72
N VAL B 150 -10.89 12.82 5.48
CA VAL B 150 -11.88 13.37 4.52
C VAL B 150 -11.88 12.45 3.30
N VAL B 151 -13.08 12.06 2.82
CA VAL B 151 -13.17 11.39 1.51
C VAL B 151 -13.68 12.44 0.52
N CYS B 152 -13.07 12.57 -0.65
CA CYS B 152 -13.47 13.66 -1.56
C CYS B 152 -13.78 13.19 -2.99
N GLY B 153 -13.82 11.88 -3.24
CA GLY B 153 -14.38 11.31 -4.47
C GLY B 153 -13.91 9.90 -4.75
N VAL B 154 -14.17 9.44 -5.97
CA VAL B 154 -13.95 8.04 -6.42
C VAL B 154 -13.17 8.00 -7.72
N HIS B 155 -12.35 6.97 -7.89
CA HIS B 155 -11.49 6.80 -9.09
C HIS B 155 -12.34 6.53 -10.34
N ALA B 156 -12.22 7.38 -11.38
CA ALA B 156 -13.11 7.30 -12.58
C ALA B 156 -12.30 6.95 -13.86
N ALA B 157 -11.04 7.36 -13.96
CA ALA B 157 -10.28 7.14 -15.21
C ALA B 157 -8.79 7.41 -15.01
N ALA B 158 -7.92 6.90 -15.90
CA ALA B 158 -6.45 7.15 -15.86
C ALA B 158 -5.93 7.11 -17.30
N THR B 159 -4.87 7.87 -17.58
CA THR B 159 -4.18 7.87 -18.91
C THR B 159 -3.31 6.62 -19.04
N LYS B 160 -2.88 6.31 -20.27
CA LYS B 160 -2.09 5.08 -20.60
C LYS B 160 -0.76 5.11 -19.84
N SER B 161 -0.08 6.26 -19.82
CA SER B 161 1.21 6.46 -19.10
C SER B 161 0.97 6.29 -17.60
N GLY B 162 -0.24 6.59 -17.14
CA GLY B 162 -0.65 6.41 -15.74
C GLY B 162 -0.27 7.61 -14.89
N ASN B 163 0.37 8.64 -15.47
CA ASN B 163 0.69 9.89 -14.71
C ASN B 163 -0.62 10.57 -14.23
N THR B 164 -1.58 10.81 -15.13
CA THR B 164 -2.86 11.54 -14.91
C THR B 164 -4.01 10.58 -14.52
N VAL B 165 -4.74 10.95 -13.48
CA VAL B 165 -5.98 10.26 -13.00
C VAL B 165 -7.12 11.28 -12.90
N VAL B 166 -8.35 10.78 -12.83
CA VAL B 166 -9.55 11.62 -12.61
C VAL B 166 -10.34 11.04 -11.43
N CYS B 167 -10.61 11.88 -10.44
CA CYS B 167 -11.45 11.67 -9.23
C CYS B 167 -12.86 12.23 -9.53
N ALA B 168 -13.91 11.38 -9.65
CA ALA B 168 -15.28 11.88 -9.82
C ALA B 168 -15.75 12.42 -8.46
N VAL B 169 -16.43 13.57 -8.49
CA VAL B 169 -16.84 14.29 -7.25
C VAL B 169 -18.34 14.45 -7.19
N GLN B 170 -18.83 14.61 -5.96
CA GLN B 170 -20.25 14.87 -5.62
C GLN B 170 -20.64 16.20 -6.25
N ALA B 171 -21.87 16.27 -6.75
CA ALA B 171 -22.59 17.49 -7.16
C ALA B 171 -21.86 18.17 -8.32
N1 N0H C . 10.72 -24.33 7.15
C4 N0H C . 10.52 -26.37 11.04
C5 N0H C . 9.51 -27.31 10.90
C6 N0H C . 9.77 -28.66 11.12
C7 N0H C . 9.85 -24.69 9.45
C8 N0H C . 10.85 -24.97 8.34
C10 N0H C . 8.85 -22.96 6.21
C13 N0H C . 10.26 -20.66 6.92
C1 N0H C . 11.03 -29.08 11.50
C2 N0H C . 12.03 -28.14 11.64
C3 N0H C . 11.77 -26.79 11.41
O1 N0H C . 10.25 -25.02 10.77
O2 N0H C . 11.72 -25.80 8.56
C9 N0H C . 10.08 -23.08 6.84
C11 N0H C . 8.31 -21.69 5.97
C12 N0H C . 9.02 -20.55 6.31
C14 N0H C . 10.79 -21.93 7.20
O3 N0H C . 12.00 -22.10 7.79
S DMS D . -27.15 4.78 -12.04
O DMS D . -26.06 5.37 -11.12
C1 DMS D . -27.62 3.22 -11.32
C2 DMS D . -28.65 5.69 -11.63
#